data_1LLS
#
_entry.id   1LLS
#
_cell.length_a   38.207
_cell.length_b   44.026
_cell.length_c   57.649
_cell.angle_alpha   100.75
_cell.angle_beta   101.36
_cell.angle_gamma   102.62
#
_symmetry.space_group_name_H-M   'P 1'
#
loop_
_entity.id
_entity.type
_entity.pdbx_description
1 polymer 'Maltose-binding periplasmic protein'
2 non-polymer XENON
3 water water
#
_entity_poly.entity_id   1
_entity_poly.type   'polypeptide(L)'
_entity_poly.pdbx_seq_one_letter_code
;KIEEGKLVIWINGDKGYNGLAEVGKKFEKDTGIKVTVEHPDKLEEKFPQVAATGDGPDIIFWAHDRFGGYAQSGLLAEIT
PDKAFQDKLYPFTWDAVRYNGKLIAYPIAVEALSLIYNKDLLPNPPKTWEEIPALDKELKAKGKSALMFNLQEPYFTWPL
IAADGGYAFKYENGKYDIKDVGVDNAGAKAGLTFLVDLIKNKHMNADTDYSIAEAAFNKGETAMTINGPWAWSNIDTSKV
NYGVTVLPTFKGQPSKPFVGVLSAGINAASPNKELAKEFLENYLLTDEGLEAVNKDKPLGAVALKSYEEELAKDPRIAAT
MENAQKGEIMPNIPQMSAFWYAVRTAVINAASGRQTVDEALKDAQTRITK
;
_entity_poly.pdbx_strand_id   A
#
loop_
_chem_comp.id
_chem_comp.type
_chem_comp.name
_chem_comp.formula
XE non-polymer XENON Xe
#
# COMPACT_ATOMS: atom_id res chain seq x y z
N LYS A 1 -28.86 -14.79 -9.71
CA LYS A 1 -28.93 -15.68 -8.52
C LYS A 1 -27.79 -15.42 -7.54
N ILE A 2 -27.99 -14.48 -6.63
CA ILE A 2 -26.98 -14.18 -5.63
C ILE A 2 -27.49 -14.55 -4.24
N GLU A 3 -28.25 -15.64 -4.18
CA GLU A 3 -28.79 -16.15 -2.92
C GLU A 3 -29.11 -15.06 -1.90
N GLU A 4 -30.32 -14.51 -1.93
CA GLU A 4 -30.63 -13.48 -0.95
C GLU A 4 -31.03 -14.18 0.35
N GLY A 5 -30.70 -13.55 1.48
CA GLY A 5 -31.02 -14.16 2.75
C GLY A 5 -29.76 -14.70 3.41
N LYS A 6 -28.61 -14.46 2.79
CA LYS A 6 -27.33 -14.88 3.33
C LYS A 6 -26.24 -13.98 2.75
N LEU A 7 -25.00 -14.19 3.17
CA LEU A 7 -23.90 -13.40 2.66
C LEU A 7 -22.79 -14.33 2.21
N VAL A 8 -22.29 -14.09 1.01
CA VAL A 8 -21.19 -14.88 0.52
C VAL A 8 -20.08 -13.85 0.37
N ILE A 9 -18.93 -14.16 0.95
CA ILE A 9 -17.80 -13.24 0.91
C ILE A 9 -16.58 -13.87 0.27
N TRP A 10 -15.89 -13.11 -0.58
CA TRP A 10 -14.67 -13.57 -1.23
C TRP A 10 -13.51 -12.75 -0.66
N ILE A 11 -12.44 -13.43 -0.27
CA ILE A 11 -11.23 -12.79 0.26
C ILE A 11 -10.07 -13.70 -0.14
N ASN A 12 -8.89 -13.11 -0.36
CA ASN A 12 -7.75 -13.90 -0.80
C ASN A 12 -7.26 -14.91 0.20
N GLY A 13 -6.67 -15.99 -0.31
CA GLY A 13 -6.20 -17.07 0.55
C GLY A 13 -5.09 -16.74 1.53
N ASP A 14 -4.44 -15.60 1.35
CA ASP A 14 -3.36 -15.21 2.25
C ASP A 14 -3.83 -14.31 3.39
N LYS A 15 -5.14 -14.09 3.48
CA LYS A 15 -5.72 -13.26 4.54
C LYS A 15 -6.31 -14.17 5.61
N GLY A 16 -6.74 -13.58 6.73
CA GLY A 16 -7.31 -14.36 7.83
C GLY A 16 -8.76 -14.75 7.60
N TYR A 17 -9.02 -15.52 6.55
CA TYR A 17 -10.38 -15.90 6.25
C TYR A 17 -11.05 -16.76 7.31
N ASN A 18 -10.26 -17.52 8.07
CA ASN A 18 -10.84 -18.33 9.14
C ASN A 18 -11.33 -17.38 10.21
N GLY A 19 -10.55 -16.32 10.46
CA GLY A 19 -10.93 -15.34 11.45
C GLY A 19 -12.15 -14.58 10.96
N LEU A 20 -12.19 -14.28 9.67
CA LEU A 20 -13.34 -13.57 9.11
C LEU A 20 -14.59 -14.45 9.25
N ALA A 21 -14.41 -15.76 9.07
CA ALA A 21 -15.55 -16.69 9.22
C ALA A 21 -16.09 -16.64 10.65
N GLU A 22 -15.20 -16.43 11.62
CA GLU A 22 -15.60 -16.36 13.02
C GLU A 22 -16.50 -15.15 13.22
N VAL A 23 -16.20 -14.05 12.52
CA VAL A 23 -17.03 -12.87 12.65
C VAL A 23 -18.39 -13.20 12.05
N GLY A 24 -18.37 -13.98 10.98
CA GLY A 24 -19.61 -14.39 10.30
C GLY A 24 -20.46 -15.28 11.19
N LYS A 25 -19.84 -16.10 12.01
CA LYS A 25 -20.57 -16.98 12.93
C LYS A 25 -21.28 -16.13 14.00
N LYS A 26 -20.64 -15.06 14.43
CA LYS A 26 -21.23 -14.17 15.43
C LYS A 26 -22.45 -13.45 14.85
N PHE A 27 -22.31 -13.05 13.59
CA PHE A 27 -23.37 -12.36 12.88
C PHE A 27 -24.56 -13.31 12.80
N GLU A 28 -24.29 -14.59 12.52
CA GLU A 28 -25.36 -15.58 12.42
C GLU A 28 -26.05 -15.84 13.78
N LYS A 29 -25.28 -15.87 14.86
CA LYS A 29 -25.88 -16.09 16.19
C LYS A 29 -26.89 -15.00 16.48
N ASP A 30 -26.49 -13.76 16.20
CA ASP A 30 -27.29 -12.57 16.43
C ASP A 30 -28.51 -12.40 15.55
N THR A 31 -28.33 -12.64 14.26
CA THR A 31 -29.38 -12.45 13.28
C THR A 31 -29.97 -13.68 12.64
N GLY A 32 -29.26 -14.80 12.73
CA GLY A 32 -29.76 -16.02 12.13
C GLY A 32 -29.34 -16.12 10.67
N ILE A 33 -28.62 -15.10 10.21
CA ILE A 33 -28.15 -15.06 8.83
C ILE A 33 -26.77 -15.70 8.68
N LYS A 34 -26.68 -16.66 7.78
CA LYS A 34 -25.43 -17.36 7.54
C LYS A 34 -24.49 -16.55 6.67
N VAL A 35 -23.20 -16.66 6.99
CA VAL A 35 -22.18 -15.95 6.25
C VAL A 35 -21.15 -16.97 5.80
N THR A 36 -20.97 -17.10 4.50
CA THR A 36 -20.01 -18.06 3.96
C THR A 36 -18.80 -17.34 3.37
N VAL A 37 -17.62 -17.61 3.90
CA VAL A 37 -16.39 -17.02 3.42
C VAL A 37 -15.69 -18.00 2.48
N GLU A 38 -15.28 -17.52 1.32
CA GLU A 38 -14.57 -18.33 0.33
C GLU A 38 -13.34 -17.60 -0.14
N HIS A 39 -12.34 -18.35 -0.57
CA HIS A 39 -11.08 -17.79 -1.03
C HIS A 39 -10.61 -18.47 -2.32
N PRO A 40 -11.39 -18.31 -3.40
CA PRO A 40 -11.06 -18.93 -4.69
C PRO A 40 -9.79 -18.38 -5.32
N ASP A 41 -9.16 -19.19 -6.17
CA ASP A 41 -7.95 -18.76 -6.84
C ASP A 41 -8.28 -17.68 -7.85
N LYS A 42 -7.36 -16.75 -8.03
CA LYS A 42 -7.52 -15.67 -8.97
C LYS A 42 -8.88 -15.00 -8.76
N LEU A 43 -9.29 -14.83 -7.52
CA LEU A 43 -10.60 -14.23 -7.26
C LEU A 43 -10.73 -12.79 -7.80
N GLU A 44 -9.61 -12.07 -7.90
CA GLU A 44 -9.68 -10.68 -8.39
C GLU A 44 -9.92 -10.64 -9.91
N GLU A 45 -9.68 -11.78 -10.57
CA GLU A 45 -9.91 -11.88 -12.01
C GLU A 45 -11.29 -12.47 -12.22
N LYS A 46 -11.69 -13.39 -11.34
CA LYS A 46 -12.99 -14.02 -11.44
C LYS A 46 -14.14 -13.09 -11.11
N PHE A 47 -13.91 -12.19 -10.15
CA PHE A 47 -14.97 -11.26 -9.76
C PHE A 47 -15.54 -10.44 -10.89
N PRO A 48 -14.69 -9.79 -11.71
CA PRO A 48 -15.23 -8.98 -12.80
C PRO A 48 -16.01 -9.84 -13.80
N GLN A 49 -15.55 -11.05 -14.04
CA GLN A 49 -16.24 -11.94 -14.96
C GLN A 49 -17.63 -12.35 -14.43
N VAL A 50 -17.69 -12.87 -13.21
CA VAL A 50 -19.00 -13.26 -12.70
C VAL A 50 -19.93 -12.11 -12.31
N ALA A 51 -19.38 -10.99 -11.83
CA ALA A 51 -20.26 -9.88 -11.46
C ALA A 51 -20.86 -9.26 -12.70
N ALA A 52 -20.14 -9.33 -13.82
CA ALA A 52 -20.64 -8.78 -15.08
C ALA A 52 -21.94 -9.49 -15.51
N THR A 53 -22.11 -10.75 -15.10
CA THR A 53 -23.30 -11.50 -15.46
C THR A 53 -24.36 -11.50 -14.34
N GLY A 54 -24.10 -10.72 -13.30
CA GLY A 54 -25.05 -10.61 -12.18
C GLY A 54 -24.87 -11.66 -11.10
N ASP A 55 -23.74 -12.35 -11.12
CA ASP A 55 -23.45 -13.37 -10.13
C ASP A 55 -22.30 -12.93 -9.24
N GLY A 56 -21.69 -13.89 -8.54
CA GLY A 56 -20.57 -13.58 -7.67
C GLY A 56 -20.94 -13.42 -6.19
N PRO A 57 -19.97 -13.02 -5.35
CA PRO A 57 -20.18 -12.83 -3.92
C PRO A 57 -20.90 -11.51 -3.61
N ASP A 58 -21.47 -11.43 -2.42
CA ASP A 58 -22.15 -10.22 -1.99
C ASP A 58 -21.06 -9.22 -1.65
N ILE A 59 -19.97 -9.71 -1.07
CA ILE A 59 -18.85 -8.85 -0.66
C ILE A 59 -17.52 -9.39 -1.16
N ILE A 60 -16.67 -8.50 -1.65
CA ILE A 60 -15.33 -8.89 -2.08
C ILE A 60 -14.30 -8.02 -1.35
N PHE A 61 -13.22 -8.66 -0.90
CA PHE A 61 -12.14 -7.95 -0.20
C PHE A 61 -10.92 -7.98 -1.12
N TRP A 62 -10.31 -6.82 -1.33
CA TRP A 62 -9.11 -6.71 -2.14
C TRP A 62 -8.50 -5.32 -1.99
N ALA A 63 -7.22 -5.19 -2.36
CA ALA A 63 -6.55 -3.89 -2.32
C ALA A 63 -7.45 -2.92 -3.10
N HIS A 64 -7.57 -1.69 -2.63
CA HIS A 64 -8.46 -0.71 -3.25
C HIS A 64 -8.19 -0.34 -4.69
N ASP A 65 -6.93 -0.42 -5.13
CA ASP A 65 -6.64 0.04 -6.48
C ASP A 65 -7.39 -0.73 -7.56
N ARG A 66 -7.63 -2.01 -7.30
CA ARG A 66 -8.38 -2.86 -8.25
C ARG A 66 -9.87 -2.48 -8.32
N PHE A 67 -10.39 -1.87 -7.25
CA PHE A 67 -11.79 -1.46 -7.22
C PHE A 67 -12.16 -0.35 -8.19
N GLY A 68 -11.18 0.41 -8.66
CA GLY A 68 -11.49 1.46 -9.61
C GLY A 68 -12.00 0.83 -10.92
N GLY A 69 -11.32 -0.23 -11.34
CA GLY A 69 -11.72 -0.95 -12.54
C GLY A 69 -13.10 -1.59 -12.36
N TYR A 70 -13.36 -2.12 -11.18
CA TYR A 70 -14.68 -2.72 -10.92
C TYR A 70 -15.78 -1.64 -10.93
N ALA A 71 -15.52 -0.50 -10.28
CA ALA A 71 -16.48 0.61 -10.22
C ALA A 71 -16.72 1.16 -11.61
N GLN A 72 -15.67 1.10 -12.42
CA GLN A 72 -15.72 1.59 -13.80
C GLN A 72 -16.80 0.83 -14.56
N SER A 73 -16.95 -0.45 -14.24
CA SER A 73 -17.92 -1.32 -14.90
C SER A 73 -19.24 -1.45 -14.13
N GLY A 74 -19.41 -0.63 -13.11
CA GLY A 74 -20.64 -0.67 -12.33
C GLY A 74 -20.81 -1.95 -11.53
N LEU A 75 -19.71 -2.57 -11.11
CA LEU A 75 -19.80 -3.80 -10.35
C LEU A 75 -19.96 -3.63 -8.84
N LEU A 76 -19.77 -2.41 -8.34
CA LEU A 76 -19.84 -2.12 -6.91
C LEU A 76 -20.95 -1.15 -6.56
N ALA A 77 -21.64 -1.44 -5.46
CA ALA A 77 -22.71 -0.58 -4.99
C ALA A 77 -22.12 0.59 -4.25
N GLU A 78 -22.76 1.75 -4.35
CA GLU A 78 -22.27 2.90 -3.64
C GLU A 78 -22.64 2.60 -2.19
N ILE A 79 -21.68 2.73 -1.28
CA ILE A 79 -21.97 2.44 0.11
C ILE A 79 -22.52 3.66 0.83
N THR A 80 -23.22 3.41 1.92
CA THR A 80 -23.87 4.48 2.66
C THR A 80 -23.54 4.70 4.16
N PRO A 81 -22.24 4.73 4.51
CA PRO A 81 -21.93 4.96 5.94
C PRO A 81 -22.25 6.40 6.35
N ASP A 82 -22.87 6.61 7.50
CA ASP A 82 -23.15 8.00 7.90
C ASP A 82 -21.88 8.67 8.42
N LYS A 83 -21.93 9.98 8.63
CA LYS A 83 -20.76 10.71 9.08
C LYS A 83 -20.14 10.19 10.37
N ALA A 84 -20.98 9.69 11.27
CA ALA A 84 -20.51 9.17 12.54
C ALA A 84 -19.62 7.96 12.31
N PHE A 85 -20.06 7.06 11.46
CA PHE A 85 -19.24 5.87 11.17
C PHE A 85 -17.96 6.28 10.42
N GLN A 86 -18.08 7.17 9.45
CA GLN A 86 -16.90 7.58 8.70
C GLN A 86 -15.86 8.14 9.65
N ASP A 87 -16.34 8.77 10.71
CA ASP A 87 -15.44 9.35 11.68
C ASP A 87 -14.64 8.35 12.51
N LYS A 88 -15.00 7.08 12.45
CA LYS A 88 -14.31 6.02 13.19
C LYS A 88 -13.06 5.52 12.47
N LEU A 89 -12.90 5.85 11.20
CA LEU A 89 -11.72 5.43 10.45
C LEU A 89 -10.86 6.66 10.15
N TYR A 90 -9.55 6.46 9.94
CA TYR A 90 -8.68 7.58 9.62
C TYR A 90 -9.21 8.22 8.33
N PRO A 91 -9.36 9.56 8.31
CA PRO A 91 -9.88 10.24 7.11
C PRO A 91 -9.25 9.90 5.77
N PHE A 92 -7.93 9.74 5.74
CA PHE A 92 -7.26 9.46 4.49
C PHE A 92 -7.65 8.13 3.87
N THR A 93 -8.11 7.18 4.68
CA THR A 93 -8.48 5.87 4.12
C THR A 93 -9.74 5.98 3.25
N TRP A 94 -10.61 6.94 3.56
CA TRP A 94 -11.83 7.10 2.75
C TRP A 94 -11.51 7.63 1.34
N ASP A 95 -10.34 8.22 1.17
CA ASP A 95 -9.94 8.72 -0.13
C ASP A 95 -9.48 7.60 -1.05
N ALA A 96 -9.22 6.42 -0.49
CA ALA A 96 -8.76 5.29 -1.28
C ALA A 96 -9.95 4.51 -1.86
N VAL A 97 -11.15 4.78 -1.36
CA VAL A 97 -12.36 4.05 -1.80
C VAL A 97 -13.47 4.89 -2.45
N ARG A 98 -13.06 5.94 -3.12
CA ARG A 98 -14.00 6.80 -3.80
C ARG A 98 -13.76 6.68 -5.31
N TYR A 99 -14.84 6.62 -6.10
CA TYR A 99 -14.71 6.56 -7.54
C TYR A 99 -15.78 7.46 -8.12
N ASN A 100 -15.36 8.41 -8.93
CA ASN A 100 -16.28 9.38 -9.51
C ASN A 100 -17.01 10.05 -8.36
N GLY A 101 -16.28 10.31 -7.29
CA GLY A 101 -16.86 10.95 -6.12
C GLY A 101 -17.58 10.05 -5.15
N LYS A 102 -18.16 8.96 -5.63
CA LYS A 102 -18.91 8.04 -4.77
C LYS A 102 -18.07 7.06 -3.98
N LEU A 103 -18.44 6.82 -2.73
CA LEU A 103 -17.74 5.84 -1.89
C LEU A 103 -18.19 4.47 -2.38
N ILE A 104 -17.23 3.61 -2.77
CA ILE A 104 -17.59 2.30 -3.28
C ILE A 104 -17.01 1.10 -2.52
N ALA A 105 -16.49 1.36 -1.32
CA ALA A 105 -15.97 0.28 -0.49
C ALA A 105 -15.60 0.80 0.89
N TYR A 106 -15.45 -0.14 1.81
CA TYR A 106 -15.11 0.14 3.19
C TYR A 106 -13.64 -0.15 3.42
N PRO A 107 -12.86 0.83 3.88
CA PRO A 107 -11.45 0.56 4.13
C PRO A 107 -11.30 -0.41 5.29
N ILE A 108 -10.35 -1.33 5.20
CA ILE A 108 -10.11 -2.29 6.28
C ILE A 108 -8.70 -2.15 6.87
N ALA A 109 -7.70 -2.34 6.02
CA ALA A 109 -6.31 -2.25 6.48
C ALA A 109 -5.48 -1.33 5.56
N VAL A 110 -4.31 -0.96 6.06
CA VAL A 110 -3.42 -0.02 5.40
C VAL A 110 -2.01 -0.56 5.28
N GLU A 111 -1.39 -0.43 4.11
CA GLU A 111 -0.06 -0.93 3.92
C GLU A 111 0.79 0.07 3.15
N ALA A 112 2.05 0.23 3.58
CA ALA A 112 2.99 1.13 2.93
C ALA A 112 4.42 0.68 3.30
N LEU A 113 5.41 1.11 2.55
CA LEU A 113 6.81 0.82 2.81
C LEU A 113 7.28 1.59 4.05
N SER A 114 8.31 1.06 4.70
CA SER A 114 8.90 1.70 5.87
C SER A 114 10.39 1.50 5.71
N LEU A 115 11.16 2.17 6.56
CA LEU A 115 12.60 2.01 6.57
C LEU A 115 12.85 0.91 7.58
N ILE A 116 13.57 -0.14 7.16
CA ILE A 116 13.87 -1.25 8.07
C ILE A 116 15.36 -1.18 8.32
N TYR A 117 15.80 -1.30 9.58
CA TYR A 117 17.22 -1.17 9.84
C TYR A 117 17.75 -2.23 10.80
N ASN A 118 19.06 -2.43 10.75
CA ASN A 118 19.70 -3.44 11.58
C ASN A 118 20.17 -2.71 12.85
N LYS A 119 19.50 -2.98 13.97
CA LYS A 119 19.83 -2.31 15.23
C LYS A 119 21.25 -2.54 15.74
N ASP A 120 21.84 -3.67 15.37
CA ASP A 120 23.19 -3.95 15.82
C ASP A 120 24.20 -3.07 15.07
N LEU A 121 24.01 -2.92 13.76
CA LEU A 121 24.91 -2.10 12.94
C LEU A 121 24.58 -0.62 13.04
N LEU A 122 23.30 -0.33 13.25
CA LEU A 122 22.82 1.04 13.27
C LEU A 122 21.67 1.22 14.26
N PRO A 123 21.98 1.36 15.56
CA PRO A 123 20.90 1.54 16.54
C PRO A 123 20.22 2.88 16.39
N ASN A 124 20.83 3.78 15.63
CA ASN A 124 20.28 5.10 15.42
C ASN A 124 20.15 5.44 13.94
N PRO A 125 19.10 4.93 13.27
CA PRO A 125 18.85 5.15 11.86
C PRO A 125 18.71 6.63 11.50
N PRO A 126 19.19 7.01 10.31
CA PRO A 126 19.15 8.40 9.80
C PRO A 126 17.75 8.95 9.60
N LYS A 127 17.54 10.22 9.96
CA LYS A 127 16.24 10.80 9.76
C LYS A 127 16.11 11.43 8.39
N THR A 128 17.24 11.66 7.74
CA THR A 128 17.27 12.26 6.40
C THR A 128 18.03 11.43 5.37
N TRP A 129 17.62 11.57 4.13
CA TRP A 129 18.27 10.90 3.01
C TRP A 129 19.65 11.53 2.82
N GLU A 130 19.72 12.83 3.08
CA GLU A 130 20.96 13.57 2.91
C GLU A 130 22.13 13.06 3.72
N GLU A 131 21.88 12.44 4.86
CA GLU A 131 23.01 11.93 5.64
C GLU A 131 23.44 10.51 5.29
N ILE A 132 22.78 9.90 4.32
CA ILE A 132 23.14 8.51 3.97
C ILE A 132 24.49 8.36 3.27
N PRO A 133 24.89 9.35 2.43
CA PRO A 133 26.20 9.20 1.78
C PRO A 133 27.32 9.08 2.84
N ALA A 134 27.34 10.00 3.79
CA ALA A 134 28.36 10.01 4.83
C ALA A 134 28.31 8.75 5.66
N LEU A 135 27.10 8.31 5.97
CA LEU A 135 26.92 7.12 6.78
C LEU A 135 27.47 5.89 6.07
N ASP A 136 27.25 5.83 4.75
CA ASP A 136 27.73 4.71 3.95
C ASP A 136 29.27 4.62 3.93
N LYS A 137 29.94 5.76 3.84
CA LYS A 137 31.40 5.75 3.85
C LYS A 137 31.91 5.21 5.19
N GLU A 138 31.22 5.56 6.27
CA GLU A 138 31.59 5.09 7.62
C GLU A 138 31.47 3.59 7.75
N LEU A 139 30.31 3.07 7.36
CA LEU A 139 30.04 1.64 7.43
C LEU A 139 30.95 0.84 6.50
N LYS A 140 31.27 1.43 5.34
CA LYS A 140 32.14 0.78 4.36
C LYS A 140 33.54 0.54 4.96
N ALA A 141 33.94 1.37 5.92
CA ALA A 141 35.24 1.24 6.56
C ALA A 141 35.28 -0.04 7.38
N LYS A 142 34.11 -0.62 7.63
CA LYS A 142 33.98 -1.85 8.40
C LYS A 142 33.41 -2.98 7.55
N GLY A 143 33.34 -2.76 6.25
CA GLY A 143 32.84 -3.80 5.35
C GLY A 143 31.33 -3.93 5.27
N LYS A 144 30.60 -2.87 5.60
CA LYS A 144 29.14 -2.90 5.52
C LYS A 144 28.68 -1.70 4.69
N SER A 145 27.48 -1.79 4.11
CA SER A 145 26.95 -0.68 3.34
C SER A 145 25.80 -0.11 4.14
N ALA A 146 25.42 1.12 3.82
CA ALA A 146 24.33 1.77 4.55
C ALA A 146 22.94 1.30 4.14
N LEU A 147 22.71 1.28 2.84
CA LEU A 147 21.36 0.98 2.35
C LEU A 147 21.29 0.24 1.03
N MET A 148 20.40 -0.74 0.98
CA MET A 148 20.13 -1.48 -0.24
C MET A 148 18.63 -1.76 -0.32
N PHE A 149 18.02 -1.34 -1.43
CA PHE A 149 16.61 -1.62 -1.64
C PHE A 149 16.38 -1.76 -3.14
N ASN A 150 15.22 -2.31 -3.51
CA ASN A 150 14.89 -2.53 -4.92
C ASN A 150 14.85 -1.25 -5.78
N LEU A 151 15.82 -1.12 -6.68
CA LEU A 151 15.89 0.06 -7.54
C LEU A 151 15.25 -0.17 -8.91
N GLN A 152 14.82 -1.41 -9.16
CA GLN A 152 14.23 -1.76 -10.45
C GLN A 152 12.76 -1.43 -10.63
N GLU A 153 12.04 -1.27 -9.52
CA GLU A 153 10.61 -0.99 -9.57
C GLU A 153 10.27 0.33 -8.94
N PRO A 154 9.51 1.17 -9.67
CA PRO A 154 9.06 2.51 -9.27
C PRO A 154 8.37 2.49 -7.91
N TYR A 155 7.67 1.40 -7.61
CA TYR A 155 6.98 1.30 -6.32
C TYR A 155 7.94 1.56 -5.17
N PHE A 156 9.18 1.09 -5.31
CA PHE A 156 10.17 1.26 -4.25
C PHE A 156 10.99 2.55 -4.30
N THR A 157 11.13 3.15 -5.48
CA THR A 157 11.94 4.37 -5.59
C THR A 157 11.08 5.66 -5.51
N TRP A 158 9.79 5.53 -5.78
CA TRP A 158 8.89 6.69 -5.71
C TRP A 158 8.89 7.44 -4.39
N PRO A 159 8.97 6.74 -3.24
CA PRO A 159 8.96 7.51 -1.98
C PRO A 159 9.89 8.71 -1.95
N LEU A 160 11.10 8.50 -2.43
CA LEU A 160 12.14 9.53 -2.49
C LEU A 160 11.82 10.55 -3.60
N ILE A 161 11.39 10.05 -4.77
CA ILE A 161 11.10 10.92 -5.90
C ILE A 161 9.93 11.86 -5.61
N ALA A 162 8.97 11.38 -4.82
CA ALA A 162 7.83 12.20 -4.48
C ALA A 162 8.07 13.15 -3.31
N ALA A 163 9.03 12.83 -2.45
CA ALA A 163 9.29 13.62 -1.25
C ALA A 163 9.22 15.13 -1.44
N ASP A 164 10.00 15.65 -2.38
CA ASP A 164 10.04 17.08 -2.63
C ASP A 164 8.95 17.63 -3.56
N GLY A 165 7.98 16.80 -3.94
CA GLY A 165 6.93 17.34 -4.79
C GLY A 165 6.39 16.51 -5.92
N GLY A 166 7.00 15.36 -6.21
CA GLY A 166 6.47 14.56 -7.30
C GLY A 166 5.15 13.90 -6.87
N TYR A 167 4.30 13.57 -7.84
CA TYR A 167 3.03 12.88 -7.58
C TYR A 167 2.58 12.26 -8.89
N ALA A 168 1.76 11.23 -8.80
CA ALA A 168 1.28 10.55 -10.01
C ALA A 168 0.20 11.40 -10.65
N PHE A 169 -0.91 11.52 -9.95
CA PHE A 169 -2.04 12.30 -10.46
C PHE A 169 -2.56 13.20 -9.35
N LYS A 170 -2.87 14.45 -9.70
CA LYS A 170 -3.37 15.39 -8.70
C LYS A 170 -4.76 14.98 -8.21
N TYR A 171 -4.90 14.92 -6.89
CA TYR A 171 -6.16 14.55 -6.29
C TYR A 171 -6.59 15.72 -5.43
N GLU A 172 -7.72 16.31 -5.78
CA GLU A 172 -8.24 17.44 -5.04
C GLU A 172 -9.76 17.39 -5.16
N ASN A 173 -10.42 17.48 -4.02
CA ASN A 173 -11.87 17.44 -3.94
C ASN A 173 -12.46 16.08 -4.29
N GLY A 174 -11.80 15.03 -3.81
CA GLY A 174 -12.27 13.67 -4.01
C GLY A 174 -12.15 13.08 -5.40
N LYS A 175 -11.36 13.69 -6.28
CA LYS A 175 -11.21 13.19 -7.63
C LYS A 175 -9.83 13.46 -8.23
N TYR A 176 -9.40 12.58 -9.13
CA TYR A 176 -8.11 12.71 -9.82
C TYR A 176 -8.29 13.49 -11.10
N ASP A 177 -7.28 14.30 -11.45
CA ASP A 177 -7.28 15.08 -12.69
C ASP A 177 -6.24 14.33 -13.52
N ILE A 178 -6.70 13.52 -14.45
CA ILE A 178 -5.83 12.71 -15.29
C ILE A 178 -4.81 13.50 -16.11
N LYS A 179 -5.03 14.80 -16.28
CA LYS A 179 -4.11 15.63 -17.04
C LYS A 179 -3.08 16.33 -16.17
N ASP A 180 -3.19 16.16 -14.86
CA ASP A 180 -2.27 16.79 -13.94
C ASP A 180 -1.33 15.75 -13.35
N VAL A 181 -0.17 15.60 -13.98
CA VAL A 181 0.82 14.60 -13.58
C VAL A 181 2.07 15.29 -13.06
N GLY A 182 2.63 14.78 -11.97
CA GLY A 182 3.80 15.41 -11.39
C GLY A 182 5.05 14.56 -11.43
N VAL A 183 5.39 14.11 -12.63
CA VAL A 183 6.54 13.25 -12.87
C VAL A 183 7.77 14.04 -13.32
N ASP A 184 7.59 15.16 -14.01
CA ASP A 184 8.77 15.91 -14.40
C ASP A 184 8.85 17.28 -13.73
N ASN A 185 8.15 17.45 -12.61
CA ASN A 185 8.21 18.73 -11.93
C ASN A 185 9.54 18.83 -11.15
N ALA A 186 9.83 20.00 -10.60
CA ALA A 186 11.07 20.24 -9.88
C ALA A 186 11.29 19.26 -8.72
N GLY A 187 10.23 18.92 -8.00
CA GLY A 187 10.37 18.01 -6.88
C GLY A 187 10.77 16.60 -7.32
N ALA A 188 10.18 16.10 -8.39
CA ALA A 188 10.52 14.76 -8.87
C ALA A 188 11.96 14.76 -9.37
N LYS A 189 12.32 15.82 -10.07
CA LYS A 189 13.68 15.93 -10.59
C LYS A 189 14.66 15.95 -9.45
N ALA A 190 14.35 16.68 -8.39
CA ALA A 190 15.26 16.73 -7.25
C ALA A 190 15.45 15.35 -6.63
N GLY A 191 14.35 14.63 -6.43
CA GLY A 191 14.44 13.31 -5.82
C GLY A 191 15.18 12.28 -6.67
N LEU A 192 14.88 12.25 -7.95
CA LEU A 192 15.54 11.30 -8.83
C LEU A 192 17.01 11.66 -8.95
N THR A 193 17.32 12.95 -8.95
CA THR A 193 18.71 13.39 -9.02
C THR A 193 19.48 12.88 -7.80
N PHE A 194 18.87 12.93 -6.62
CA PHE A 194 19.56 12.46 -5.41
C PHE A 194 19.79 10.96 -5.50
N LEU A 195 18.77 10.26 -6.01
CA LEU A 195 18.87 8.84 -6.19
C LEU A 195 20.01 8.47 -7.13
N VAL A 196 20.05 9.13 -8.28
CA VAL A 196 21.09 8.87 -9.26
C VAL A 196 22.47 9.21 -8.72
N ASP A 197 22.55 10.29 -7.95
CA ASP A 197 23.82 10.70 -7.36
C ASP A 197 24.31 9.63 -6.39
N LEU A 198 23.38 8.98 -5.67
CA LEU A 198 23.77 7.92 -4.74
C LEU A 198 24.39 6.79 -5.51
N ILE A 199 23.87 6.53 -6.71
CA ILE A 199 24.39 5.45 -7.53
C ILE A 199 25.75 5.77 -8.13
N LYS A 200 25.94 6.98 -8.67
CA LYS A 200 27.25 7.22 -9.26
C LYS A 200 28.33 7.47 -8.24
N ASN A 201 27.92 7.75 -7.00
CA ASN A 201 28.86 7.98 -5.92
C ASN A 201 29.18 6.66 -5.26
N LYS A 202 28.67 5.59 -5.87
CA LYS A 202 28.92 4.24 -5.42
C LYS A 202 28.26 3.84 -4.10
N HIS A 203 27.32 4.64 -3.62
CA HIS A 203 26.64 4.32 -2.38
C HIS A 203 25.57 3.25 -2.63
N MET A 204 25.11 3.16 -3.88
CA MET A 204 24.14 2.15 -4.29
C MET A 204 24.49 1.71 -5.71
N ASN A 205 24.06 0.50 -6.06
CA ASN A 205 24.32 -0.10 -7.37
C ASN A 205 23.03 -0.12 -8.21
N ALA A 206 23.10 0.44 -9.41
CA ALA A 206 21.92 0.51 -10.29
C ALA A 206 21.22 -0.81 -10.59
N ASP A 207 21.90 -1.94 -10.40
CA ASP A 207 21.29 -3.23 -10.69
C ASP A 207 20.67 -3.95 -9.51
N THR A 208 20.73 -3.32 -8.33
CA THR A 208 20.14 -3.94 -7.15
C THR A 208 18.63 -4.10 -7.34
N ASP A 209 18.13 -5.31 -7.13
CA ASP A 209 16.72 -5.58 -7.27
C ASP A 209 16.15 -6.06 -5.94
N TYR A 210 14.94 -6.62 -5.95
CA TYR A 210 14.33 -7.07 -4.71
C TYR A 210 15.12 -8.17 -4.01
N SER A 211 15.40 -9.24 -4.74
CA SER A 211 16.13 -10.35 -4.15
C SER A 211 17.49 -9.97 -3.61
N ILE A 212 18.28 -9.25 -4.40
CA ILE A 212 19.60 -8.84 -3.97
C ILE A 212 19.54 -8.04 -2.67
N ALA A 213 18.65 -7.05 -2.60
CA ALA A 213 18.55 -6.21 -1.40
C ALA A 213 18.10 -6.99 -0.17
N GLU A 214 17.11 -7.86 -0.36
CA GLU A 214 16.59 -8.64 0.75
C GLU A 214 17.69 -9.55 1.27
N ALA A 215 18.45 -10.12 0.34
CA ALA A 215 19.55 -11.02 0.69
C ALA A 215 20.58 -10.26 1.51
N ALA A 216 20.99 -9.09 1.01
CA ALA A 216 21.99 -8.29 1.70
C ALA A 216 21.56 -7.91 3.10
N PHE A 217 20.31 -7.49 3.26
CA PHE A 217 19.86 -7.12 4.60
C PHE A 217 19.74 -8.30 5.54
N ASN A 218 19.11 -9.37 5.09
CA ASN A 218 18.90 -10.53 5.95
C ASN A 218 20.19 -11.27 6.27
N LYS A 219 21.24 -10.98 5.52
CA LYS A 219 22.55 -11.59 5.77
C LYS A 219 23.43 -10.65 6.60
N GLY A 220 22.86 -9.50 6.98
CA GLY A 220 23.60 -8.53 7.77
C GLY A 220 24.69 -7.77 7.06
N GLU A 221 24.61 -7.71 5.73
CA GLU A 221 25.61 -7.02 4.92
C GLU A 221 25.38 -5.52 4.80
N THR A 222 24.11 -5.12 4.84
CA THR A 222 23.75 -3.72 4.74
C THR A 222 22.92 -3.34 5.96
N ALA A 223 23.08 -2.10 6.42
CA ALA A 223 22.40 -1.64 7.63
C ALA A 223 20.92 -1.31 7.50
N MET A 224 20.49 -1.04 6.26
CA MET A 224 19.11 -0.66 6.03
C MET A 224 18.57 -1.16 4.71
N THR A 225 17.25 -1.26 4.64
CA THR A 225 16.56 -1.60 3.41
C THR A 225 15.22 -0.89 3.48
N ILE A 226 14.48 -0.87 2.38
CA ILE A 226 13.16 -0.25 2.37
C ILE A 226 12.26 -1.34 1.89
N ASN A 227 11.30 -1.72 2.72
CA ASN A 227 10.40 -2.79 2.33
C ASN A 227 9.12 -2.72 3.10
N GLY A 228 8.21 -3.62 2.76
CA GLY A 228 6.89 -3.64 3.38
C GLY A 228 6.70 -4.78 4.38
N PRO A 229 5.55 -4.82 5.06
CA PRO A 229 5.25 -5.85 6.07
C PRO A 229 5.30 -7.30 5.58
N TRP A 230 5.18 -7.49 4.27
CA TRP A 230 5.22 -8.81 3.67
C TRP A 230 6.62 -9.37 3.76
N ALA A 231 7.59 -8.50 4.05
CA ALA A 231 8.96 -8.93 4.14
C ALA A 231 9.42 -9.26 5.56
N TRP A 232 8.63 -8.89 6.57
CA TRP A 232 9.06 -9.12 7.94
C TRP A 232 9.31 -10.59 8.33
N SER A 233 8.48 -11.52 7.87
CA SER A 233 8.69 -12.92 8.27
C SER A 233 10.06 -13.46 7.83
N ASN A 234 10.50 -13.09 6.64
CA ASN A 234 11.81 -13.55 6.18
C ASN A 234 12.90 -12.95 7.07
N ILE A 235 12.70 -11.71 7.54
CA ILE A 235 13.70 -11.12 8.43
C ILE A 235 13.63 -11.85 9.78
N ASP A 236 12.44 -12.18 10.25
CA ASP A 236 12.31 -12.91 11.52
C ASP A 236 13.11 -14.21 11.48
N THR A 237 13.02 -14.91 10.36
CA THR A 237 13.73 -16.16 10.17
C THR A 237 15.24 -15.93 10.19
N SER A 238 15.68 -14.84 9.54
CA SER A 238 17.10 -14.50 9.46
C SER A 238 17.75 -14.23 10.81
N LYS A 239 16.93 -13.89 11.80
CA LYS A 239 17.42 -13.57 13.14
C LYS A 239 18.15 -12.24 13.24
N VAL A 240 18.07 -11.44 12.18
CA VAL A 240 18.70 -10.12 12.22
C VAL A 240 17.92 -9.34 13.28
N ASN A 241 18.59 -8.52 14.08
CA ASN A 241 17.90 -7.73 15.11
C ASN A 241 17.46 -6.43 14.42
N TYR A 242 16.23 -6.43 13.90
CA TYR A 242 15.76 -5.27 13.15
C TYR A 242 14.69 -4.38 13.76
N GLY A 243 14.62 -3.16 13.24
CA GLY A 243 13.64 -2.20 13.66
C GLY A 243 12.94 -1.72 12.39
N VAL A 244 11.76 -1.14 12.52
CA VAL A 244 11.01 -0.64 11.37
C VAL A 244 10.65 0.78 11.76
N THR A 245 11.02 1.74 10.92
CA THR A 245 10.77 3.12 11.28
C THR A 245 10.32 4.05 10.16
N VAL A 246 10.15 5.32 10.49
CA VAL A 246 9.72 6.29 9.48
C VAL A 246 10.77 6.38 8.40
N LEU A 247 10.34 6.55 7.15
CA LEU A 247 11.31 6.68 6.06
C LEU A 247 12.07 8.01 6.23
N PRO A 248 13.28 8.10 5.68
CA PRO A 248 14.03 9.36 5.80
C PRO A 248 13.32 10.52 5.05
N THR A 249 13.60 11.76 5.48
CA THR A 249 13.03 12.91 4.78
C THR A 249 14.02 13.31 3.69
N PHE A 250 13.54 14.08 2.74
CA PHE A 250 14.40 14.58 1.68
C PHE A 250 14.08 16.05 1.57
N LYS A 251 15.10 16.89 1.66
CA LYS A 251 14.91 18.32 1.62
C LYS A 251 13.90 18.71 2.71
N GLY A 252 13.98 18.00 3.84
CA GLY A 252 13.10 18.26 4.97
C GLY A 252 11.66 17.78 4.83
N GLN A 253 11.34 17.11 3.72
CA GLN A 253 9.97 16.66 3.47
C GLN A 253 9.87 15.14 3.60
N PRO A 254 8.77 14.63 4.16
CA PRO A 254 8.61 13.19 4.31
C PRO A 254 8.68 12.48 2.97
N SER A 255 9.24 11.28 2.98
CA SER A 255 9.27 10.44 1.78
C SER A 255 7.81 10.04 1.63
N LYS A 256 7.34 9.83 0.40
CA LYS A 256 5.94 9.52 0.24
C LYS A 256 5.65 8.21 -0.46
N PRO A 257 5.54 7.13 0.31
CA PRO A 257 5.26 5.80 -0.28
C PRO A 257 3.81 5.62 -0.72
N PHE A 258 3.58 4.82 -1.74
CA PHE A 258 2.20 4.58 -2.16
C PHE A 258 1.52 3.79 -1.05
N VAL A 259 0.24 4.08 -0.83
CA VAL A 259 -0.53 3.41 0.21
C VAL A 259 -1.53 2.44 -0.42
N GLY A 260 -1.57 1.21 0.08
CA GLY A 260 -2.52 0.21 -0.43
C GLY A 260 -3.51 -0.05 0.69
N VAL A 261 -4.80 0.05 0.38
CA VAL A 261 -5.86 -0.13 1.39
C VAL A 261 -6.72 -1.36 1.11
N LEU A 262 -6.59 -2.39 1.93
CA LEU A 262 -7.44 -3.59 1.76
C LEU A 262 -8.84 -3.06 2.00
N SER A 263 -9.77 -3.33 1.09
CA SER A 263 -11.11 -2.79 1.25
C SER A 263 -12.17 -3.81 0.93
N ALA A 264 -13.38 -3.54 1.43
CA ALA A 264 -14.53 -4.44 1.23
C ALA A 264 -15.58 -3.78 0.37
N GLY A 265 -15.84 -4.33 -0.81
CA GLY A 265 -16.85 -3.75 -1.68
C GLY A 265 -18.07 -4.67 -1.73
N ILE A 266 -19.25 -4.08 -1.98
CA ILE A 266 -20.50 -4.82 -2.07
C ILE A 266 -20.90 -4.93 -3.54
N ASN A 267 -21.16 -6.15 -3.97
CA ASN A 267 -21.58 -6.42 -5.35
C ASN A 267 -22.83 -5.59 -5.72
N ALA A 268 -22.75 -4.87 -6.84
CA ALA A 268 -23.87 -4.05 -7.30
C ALA A 268 -25.13 -4.89 -7.52
N ALA A 269 -24.93 -6.18 -7.80
CA ALA A 269 -26.04 -7.13 -8.07
C ALA A 269 -26.56 -7.84 -6.84
N SER A 270 -25.93 -7.59 -5.70
CA SER A 270 -26.35 -8.24 -4.46
C SER A 270 -27.71 -7.77 -3.95
N PRO A 271 -28.59 -8.74 -3.61
CA PRO A 271 -29.93 -8.44 -3.08
C PRO A 271 -29.79 -8.42 -1.54
N ASN A 272 -28.55 -8.32 -1.06
CA ASN A 272 -28.30 -8.29 0.37
C ASN A 272 -27.42 -7.10 0.77
N LYS A 273 -27.61 -5.96 0.14
CA LYS A 273 -26.80 -4.78 0.46
C LYS A 273 -26.92 -4.30 1.89
N GLU A 274 -28.13 -4.36 2.44
CA GLU A 274 -28.34 -3.93 3.83
C GLU A 274 -27.63 -4.89 4.81
N LEU A 275 -27.70 -6.18 4.54
CA LEU A 275 -27.04 -7.20 5.36
C LEU A 275 -25.52 -6.95 5.33
N ALA A 276 -25.01 -6.72 4.13
CA ALA A 276 -23.59 -6.46 3.94
C ALA A 276 -23.15 -5.26 4.76
N LYS A 277 -23.91 -4.17 4.68
CA LYS A 277 -23.57 -2.96 5.44
C LYS A 277 -23.56 -3.23 6.94
N GLU A 278 -24.61 -3.92 7.42
CA GLU A 278 -24.70 -4.24 8.84
C GLU A 278 -23.50 -5.07 9.28
N PHE A 279 -23.16 -6.08 8.47
CA PHE A 279 -22.02 -6.94 8.77
C PHE A 279 -20.72 -6.15 8.78
N LEU A 280 -20.46 -5.44 7.69
CA LEU A 280 -19.21 -4.70 7.60
C LEU A 280 -19.08 -3.60 8.65
N GLU A 281 -20.10 -2.79 8.83
CA GLU A 281 -20.01 -1.70 9.78
C GLU A 281 -20.04 -2.05 11.26
N ASN A 282 -20.97 -2.92 11.63
CA ASN A 282 -21.18 -3.25 13.03
C ASN A 282 -20.63 -4.57 13.55
N TYR A 283 -20.02 -5.37 12.69
CA TYR A 283 -19.42 -6.62 13.15
C TYR A 283 -17.94 -6.65 12.82
N LEU A 284 -17.60 -6.42 11.55
CA LEU A 284 -16.20 -6.47 11.16
C LEU A 284 -15.42 -5.24 11.63
N LEU A 285 -15.88 -4.05 11.26
CA LEU A 285 -15.16 -2.83 11.62
C LEU A 285 -15.38 -2.41 13.08
N THR A 286 -15.05 -3.31 13.99
CA THR A 286 -15.14 -3.08 15.43
C THR A 286 -13.86 -3.68 15.96
N ASP A 287 -13.45 -3.33 17.19
CA ASP A 287 -12.22 -3.92 17.73
C ASP A 287 -12.29 -5.45 17.78
N GLU A 288 -13.47 -5.96 18.13
CA GLU A 288 -13.68 -7.39 18.24
C GLU A 288 -13.60 -8.11 16.90
N GLY A 289 -14.17 -7.49 15.86
CA GLY A 289 -14.14 -8.09 14.54
C GLY A 289 -12.75 -8.13 13.92
N LEU A 290 -12.05 -7.02 13.97
CA LEU A 290 -10.71 -6.96 13.39
C LEU A 290 -9.74 -7.84 14.18
N GLU A 291 -9.98 -7.94 15.48
CA GLU A 291 -9.16 -8.77 16.35
C GLU A 291 -9.31 -10.22 15.89
N ALA A 292 -10.55 -10.64 15.63
CA ALA A 292 -10.79 -12.01 15.19
C ALA A 292 -10.00 -12.31 13.90
N VAL A 293 -10.00 -11.36 12.97
CA VAL A 293 -9.28 -11.56 11.72
C VAL A 293 -7.77 -11.51 11.95
N ASN A 294 -7.34 -10.49 12.68
CA ASN A 294 -5.93 -10.30 12.97
C ASN A 294 -5.29 -11.51 13.65
N LYS A 295 -6.01 -12.14 14.58
CA LYS A 295 -5.51 -13.32 15.30
C LYS A 295 -5.19 -14.46 14.33
N ASP A 296 -6.04 -14.62 13.33
CA ASP A 296 -5.89 -15.65 12.32
C ASP A 296 -4.68 -15.36 11.42
N LYS A 297 -4.65 -14.16 10.83
CA LYS A 297 -3.54 -13.71 9.99
C LYS A 297 -3.49 -12.18 10.18
N PRO A 298 -2.34 -11.65 10.63
CA PRO A 298 -2.24 -10.19 10.83
C PRO A 298 -2.61 -9.28 9.67
N LEU A 299 -3.41 -8.28 10.00
CA LEU A 299 -3.86 -7.31 9.02
C LEU A 299 -2.84 -6.21 8.81
N GLY A 300 -1.91 -6.09 9.76
CA GLY A 300 -0.92 -5.02 9.67
C GLY A 300 -1.58 -3.81 10.31
N ALA A 301 -1.42 -2.62 9.74
CA ALA A 301 -2.08 -1.42 10.29
C ALA A 301 -3.55 -1.41 9.82
N VAL A 302 -4.47 -0.96 10.66
CA VAL A 302 -5.87 -0.96 10.25
C VAL A 302 -6.45 0.44 10.15
N ALA A 303 -7.54 0.55 9.39
CA ALA A 303 -8.20 1.83 9.17
C ALA A 303 -9.05 2.30 10.35
N LEU A 304 -9.43 1.38 11.23
CA LEU A 304 -10.26 1.72 12.39
C LEU A 304 -9.37 2.31 13.50
N LYS A 305 -9.56 3.58 13.83
CA LYS A 305 -8.76 4.23 14.85
C LYS A 305 -8.63 3.51 16.19
N SER A 306 -9.76 3.06 16.77
CA SER A 306 -9.71 2.41 18.06
C SER A 306 -8.83 1.16 18.12
N TYR A 307 -8.89 0.34 17.08
CA TYR A 307 -8.07 -0.85 17.07
C TYR A 307 -6.63 -0.53 16.63
N GLU A 308 -6.43 0.40 15.72
CA GLU A 308 -5.07 0.76 15.29
C GLU A 308 -4.29 1.27 16.51
N GLU A 309 -5.00 1.98 17.39
CA GLU A 309 -4.33 2.51 18.58
C GLU A 309 -3.78 1.40 19.46
N GLU A 310 -4.42 0.23 19.45
CA GLU A 310 -3.92 -0.89 20.22
C GLU A 310 -2.81 -1.61 19.44
N LEU A 311 -3.02 -1.81 18.15
CA LEU A 311 -2.01 -2.48 17.32
C LEU A 311 -0.71 -1.71 17.28
N ALA A 312 -0.81 -0.39 17.33
CA ALA A 312 0.36 0.48 17.23
C ALA A 312 1.34 0.36 18.41
N LYS A 313 1.02 -0.49 19.38
CA LYS A 313 1.93 -0.72 20.50
C LYS A 313 3.12 -1.49 19.94
N ASP A 314 2.96 -2.08 18.75
CA ASP A 314 4.05 -2.78 18.06
C ASP A 314 4.60 -1.64 17.23
N PRO A 315 5.85 -1.23 17.49
CA PRO A 315 6.46 -0.13 16.74
C PRO A 315 6.55 -0.32 15.22
N ARG A 316 6.56 -1.56 14.77
CA ARG A 316 6.62 -1.83 13.33
C ARG A 316 5.28 -1.44 12.70
N ILE A 317 4.18 -1.76 13.37
CA ILE A 317 2.87 -1.40 12.82
C ILE A 317 2.68 0.13 12.90
N ALA A 318 3.14 0.73 14.00
CA ALA A 318 3.07 2.17 14.16
C ALA A 318 3.79 2.83 12.98
N ALA A 319 4.96 2.29 12.65
CA ALA A 319 5.77 2.80 11.54
C ALA A 319 5.03 2.72 10.22
N THR A 320 4.41 1.57 9.99
CA THR A 320 3.66 1.39 8.75
C THR A 320 2.59 2.49 8.63
N MET A 321 1.83 2.71 9.70
CA MET A 321 0.78 3.73 9.65
C MET A 321 1.32 5.15 9.48
N GLU A 322 2.41 5.45 10.16
CA GLU A 322 3.04 6.77 10.07
C GLU A 322 3.48 7.06 8.63
N ASN A 323 4.15 6.09 8.01
CA ASN A 323 4.58 6.26 6.64
C ASN A 323 3.38 6.36 5.70
N ALA A 324 2.34 5.57 5.97
CA ALA A 324 1.14 5.60 5.13
C ALA A 324 0.47 6.97 5.22
N GLN A 325 0.37 7.52 6.42
CA GLN A 325 -0.25 8.82 6.59
C GLN A 325 0.52 9.90 5.87
N LYS A 326 1.82 9.70 5.71
CA LYS A 326 2.69 10.65 5.02
C LYS A 326 2.80 10.35 3.54
N GLY A 327 2.27 9.21 3.12
CA GLY A 327 2.34 8.78 1.73
C GLY A 327 1.27 9.25 0.77
N GLU A 328 1.23 8.60 -0.39
CA GLU A 328 0.32 8.91 -1.48
C GLU A 328 -0.64 7.72 -1.68
N ILE A 329 -1.94 7.91 -1.49
CA ILE A 329 -2.86 6.80 -1.74
C ILE A 329 -2.64 6.36 -3.20
N MET A 330 -2.53 5.06 -3.47
CA MET A 330 -2.32 4.61 -4.84
C MET A 330 -3.56 4.95 -5.70
N PRO A 331 -3.39 5.68 -6.82
CA PRO A 331 -4.53 6.03 -7.67
C PRO A 331 -5.24 4.79 -8.20
N ASN A 332 -6.57 4.80 -8.14
CA ASN A 332 -7.36 3.67 -8.60
C ASN A 332 -7.86 3.81 -10.03
N ILE A 333 -7.29 4.74 -10.78
CA ILE A 333 -7.71 4.97 -12.18
C ILE A 333 -6.85 4.18 -13.19
N PRO A 334 -7.40 3.89 -14.38
CA PRO A 334 -6.64 3.13 -15.39
C PRO A 334 -5.32 3.74 -15.85
N GLN A 335 -5.24 5.07 -15.87
CA GLN A 335 -4.03 5.74 -16.31
C GLN A 335 -2.84 5.44 -15.40
N MET A 336 -3.11 4.89 -14.23
CA MET A 336 -2.01 4.56 -13.33
C MET A 336 -1.10 3.49 -13.98
N SER A 337 -1.64 2.68 -14.90
CA SER A 337 -0.81 1.67 -15.58
C SER A 337 0.23 2.39 -16.43
N ALA A 338 -0.19 3.48 -17.07
CA ALA A 338 0.71 4.26 -17.92
C ALA A 338 1.84 4.86 -17.07
N PHE A 339 1.48 5.31 -15.87
CA PHE A 339 2.44 5.88 -14.92
C PHE A 339 3.50 4.83 -14.55
N TRP A 340 3.07 3.63 -14.16
CA TRP A 340 4.03 2.59 -13.80
C TRP A 340 5.06 2.33 -14.88
N TYR A 341 4.62 2.03 -16.11
CA TYR A 341 5.56 1.74 -17.18
C TYR A 341 6.48 2.89 -17.53
N ALA A 342 5.93 4.10 -17.61
CA ALA A 342 6.73 5.27 -17.93
C ALA A 342 7.77 5.55 -16.85
N VAL A 343 7.37 5.56 -15.58
CA VAL A 343 8.33 5.85 -14.51
C VAL A 343 9.37 4.75 -14.34
N ARG A 344 8.92 3.53 -14.54
CA ARG A 344 9.86 2.42 -14.45
C ARG A 344 11.01 2.66 -15.44
N THR A 345 10.66 3.05 -16.66
CA THR A 345 11.67 3.29 -17.69
C THR A 345 12.53 4.49 -17.37
N ALA A 346 11.91 5.57 -16.93
CA ALA A 346 12.65 6.77 -16.59
C ALA A 346 13.70 6.48 -15.52
N VAL A 347 13.29 5.85 -14.42
CA VAL A 347 14.25 5.58 -13.35
C VAL A 347 15.36 4.63 -13.81
N ILE A 348 15.01 3.56 -14.51
CA ILE A 348 16.03 2.64 -15.00
C ILE A 348 17.03 3.37 -15.87
N ASN A 349 16.53 4.17 -16.82
CA ASN A 349 17.40 4.92 -17.72
C ASN A 349 18.27 5.97 -17.01
N ALA A 350 17.71 6.65 -16.01
CA ALA A 350 18.47 7.65 -15.27
C ALA A 350 19.57 7.01 -14.44
N ALA A 351 19.26 5.85 -13.87
CA ALA A 351 20.21 5.15 -13.02
C ALA A 351 21.35 4.53 -13.83
N SER A 352 21.05 4.10 -15.04
CA SER A 352 22.04 3.47 -15.91
C SER A 352 22.90 4.49 -16.64
N GLY A 353 22.41 5.72 -16.71
CA GLY A 353 23.14 6.78 -17.39
C GLY A 353 22.69 6.91 -18.84
N ARG A 354 21.80 6.02 -19.27
CA ARG A 354 21.28 6.05 -20.62
C ARG A 354 20.65 7.42 -20.91
N GLN A 355 19.95 7.96 -19.92
CA GLN A 355 19.30 9.25 -20.04
C GLN A 355 19.63 10.09 -18.81
N THR A 356 19.65 11.40 -18.98
CA THR A 356 19.90 12.29 -17.84
C THR A 356 18.59 12.26 -17.07
N VAL A 357 18.60 12.74 -15.84
CA VAL A 357 17.38 12.77 -15.03
C VAL A 357 16.31 13.61 -15.71
N ASP A 358 16.67 14.82 -16.11
CA ASP A 358 15.73 15.72 -16.76
C ASP A 358 15.07 15.11 -18.01
N GLU A 359 15.86 14.47 -18.88
CA GLU A 359 15.31 13.87 -20.09
C GLU A 359 14.47 12.62 -19.79
N ALA A 360 14.92 11.81 -18.84
CA ALA A 360 14.19 10.59 -18.50
C ALA A 360 12.82 10.95 -17.94
N LEU A 361 12.76 11.95 -17.06
CA LEU A 361 11.47 12.35 -16.50
C LEU A 361 10.62 13.12 -17.51
N LYS A 362 11.27 13.93 -18.35
CA LYS A 362 10.54 14.66 -19.38
C LYS A 362 9.79 13.64 -20.26
N ASP A 363 10.48 12.59 -20.70
CA ASP A 363 9.84 11.60 -21.56
C ASP A 363 8.72 10.84 -20.87
N ALA A 364 8.91 10.53 -19.59
CA ALA A 364 7.89 9.81 -18.83
C ALA A 364 6.63 10.67 -18.69
N GLN A 365 6.80 11.94 -18.35
CA GLN A 365 5.67 12.85 -18.18
C GLN A 365 4.87 12.93 -19.49
N THR A 366 5.59 13.04 -20.60
CA THR A 366 4.92 13.10 -21.90
C THR A 366 4.07 11.86 -22.17
N ARG A 367 4.60 10.68 -21.84
CA ARG A 367 3.86 9.42 -22.05
C ARG A 367 2.57 9.34 -21.24
N ILE A 368 2.68 9.63 -19.94
CA ILE A 368 1.55 9.55 -19.04
C ILE A 368 0.38 10.46 -19.36
N THR A 369 0.65 11.69 -19.77
CA THR A 369 -0.41 12.66 -20.08
C THR A 369 -0.83 12.58 -21.54
N LYS A 370 0.02 11.96 -22.36
CA LYS A 370 -0.24 11.81 -23.78
C LYS A 370 -1.20 10.64 -23.97
XE XE B . -10.82 -8.76 6.53
#